data_4FO1
#
_entry.id   4FO1
#
_cell.length_a   57.389
_cell.length_b   61.910
_cell.length_c   61.341
_cell.angle_alpha   90.00
_cell.angle_beta   103.24
_cell.angle_gamma   90.00
#
_symmetry.space_group_name_H-M   'P 1 21 1'
#
loop_
_entity.id
_entity.type
_entity.pdbx_description
1 polymer 'Lincosamide resistance protein'
2 non-polymer '4-(2-HYDROXYETHYL)-1-PIPERAZINE ETHANESULFONIC ACID'
3 water water
#
_entity_poly.entity_id   1
_entity_poly.type   'polypeptide(L)'
_entity_poly.pdbx_seq_one_letter_code
;(MSE)KNNNVTEKELFYILDLFEH(MSE)KVTYWLDGGWGVDVLTGKQQREHRDIDIDFDAQHTQKVIQKLEDIGYKIEV
HW(MSE)PSR(MSE)ELKHEEYGYLDIHPINLNDDGSITQANPEGGNYVFQNDWFSETNYKDRKIPCISKEAQLLFHSGY
DLTETDHFDIKNLKSIT
;
_entity_poly.pdbx_strand_id   A,B
#
loop_
_chem_comp.id
_chem_comp.type
_chem_comp.name
_chem_comp.formula
EPE non-polymer '4-(2-HYDROXYETHYL)-1-PIPERAZINE ETHANESULFONIC ACID' 'C8 H18 N2 O4 S'
#
# COMPACT_ATOMS: atom_id res chain seq x y z
N ASN A 4 -25.78 7.75 24.69
CA ASN A 4 -25.39 6.39 24.30
C ASN A 4 -25.43 6.22 22.79
N ASN A 5 -25.75 7.30 22.09
CA ASN A 5 -25.81 7.31 20.63
CA ASN A 5 -25.76 7.25 20.63
C ASN A 5 -24.60 8.04 20.03
N VAL A 6 -24.36 7.83 18.74
CA VAL A 6 -23.23 8.48 18.07
C VAL A 6 -23.62 9.83 17.47
N THR A 7 -23.13 10.91 18.07
CA THR A 7 -23.43 12.26 17.60
C THR A 7 -22.64 12.57 16.33
N GLU A 8 -23.11 13.56 15.57
CA GLU A 8 -22.49 13.94 14.31
C GLU A 8 -21.04 14.34 14.52
N LYS A 9 -20.78 15.11 15.57
CA LYS A 9 -19.42 15.52 15.92
C LYS A 9 -18.57 14.32 16.26
N GLU A 10 -19.15 13.35 16.96
CA GLU A 10 -18.43 12.12 17.26
C GLU A 10 -18.16 11.32 15.99
N LEU A 11 -19.11 11.33 15.06
CA LEU A 11 -18.91 10.71 13.76
C LEU A 11 -17.73 11.36 13.03
N PHE A 12 -17.66 12.68 13.09
CA PHE A 12 -16.63 13.44 12.38
C PHE A 12 -15.25 13.15 12.95
N TYR A 13 -15.17 12.92 14.25
CA TYR A 13 -13.90 12.60 14.91
C TYR A 13 -13.35 11.26 14.41
N ILE A 14 -14.23 10.27 14.31
CA ILE A 14 -13.83 8.96 13.81
C ILE A 14 -13.42 9.04 12.34
N LEU A 15 -14.18 9.82 11.57
CA LEU A 15 -13.82 10.08 10.18
C LEU A 15 -12.46 10.74 10.10
N ASP A 16 -12.22 11.73 10.96
CA ASP A 16 -10.96 12.45 10.98
C ASP A 16 -9.76 11.54 11.29
N LEU A 17 -10.00 10.54 12.13
CA LEU A 17 -8.96 9.57 12.50
C LEU A 17 -8.45 8.84 11.26
N PHE A 18 -9.37 8.29 10.47
CA PHE A 18 -9.01 7.56 9.27
C PHE A 18 -8.34 8.44 8.23
N GLU A 19 -8.80 9.69 8.14
CA GLU A 19 -8.25 10.62 7.15
C GLU A 19 -6.85 11.10 7.52
N HIS A 20 -6.61 11.31 8.81
CA HIS A 20 -5.29 11.74 9.27
C HIS A 20 -4.31 10.57 9.24
N MSE A 21 -4.83 9.36 9.37
CA MSE A 21 -4.02 8.15 9.24
C MSE A 21 -3.68 7.87 7.79
O MSE A 21 -2.81 7.04 7.50
CB MSE A 21 -4.76 6.93 9.81
CG MSE A 21 -4.78 6.85 11.34
SE MSE A 21 -5.13 5.03 11.97
CE MSE A 21 -7.07 5.04 11.94
N LYS A 22 -4.34 8.60 6.88
CA LYS A 22 -4.21 8.37 5.43
C LYS A 22 -4.62 6.95 5.05
N VAL A 23 -5.60 6.43 5.76
CA VAL A 23 -6.18 5.13 5.45
C VAL A 23 -7.43 5.33 4.61
N THR A 24 -7.46 4.71 3.43
CA THR A 24 -8.60 4.83 2.53
C THR A 24 -9.81 4.11 3.11
N TYR A 25 -10.95 4.80 3.15
CA TYR A 25 -12.13 4.29 3.83
C TYR A 25 -13.42 4.84 3.22
N TRP A 26 -14.53 4.21 3.57
CA TRP A 26 -15.85 4.74 3.19
C TRP A 26 -16.85 4.58 4.31
N LEU A 27 -17.65 5.62 4.55
CA LEU A 27 -18.72 5.54 5.53
C LEU A 27 -19.82 4.60 5.04
N ASP A 28 -20.37 3.80 5.94
CA ASP A 28 -21.43 2.86 5.59
C ASP A 28 -22.51 2.89 6.66
N GLY A 29 -23.45 1.95 6.59
CA GLY A 29 -24.47 1.81 7.61
C GLY A 29 -25.43 2.98 7.72
N GLY A 30 -26.05 3.12 8.89
CA GLY A 30 -27.07 4.13 9.12
C GLY A 30 -26.58 5.55 8.93
N TRP A 31 -25.42 5.86 9.50
CA TRP A 31 -24.85 7.20 9.35
C TRP A 31 -24.51 7.50 7.89
N GLY A 32 -24.15 6.45 7.15
CA GLY A 32 -23.90 6.60 5.72
C GLY A 32 -25.14 7.03 4.98
N VAL A 33 -26.28 6.52 5.44
CA VAL A 33 -27.58 6.84 4.83
C VAL A 33 -27.92 8.31 5.06
N ASP A 34 -27.82 8.76 6.31
CA ASP A 34 -28.11 10.14 6.67
C ASP A 34 -27.20 11.10 5.91
N VAL A 35 -25.93 10.74 5.80
CA VAL A 35 -24.95 11.56 5.11
C VAL A 35 -25.32 11.76 3.64
N LEU A 36 -25.91 10.73 3.02
CA LEU A 36 -26.40 10.83 1.65
C LEU A 36 -27.59 11.79 1.54
N THR A 37 -28.41 11.84 2.59
CA THR A 37 -29.59 12.69 2.58
C THR A 37 -29.24 14.16 2.72
N GLY A 38 -28.12 14.43 3.38
CA GLY A 38 -27.63 15.79 3.54
C GLY A 38 -27.69 16.31 4.96
N LYS A 39 -28.42 15.60 5.82
CA LYS A 39 -28.54 15.95 7.23
C LYS A 39 -28.88 14.73 8.07
N GLN A 40 -28.76 14.84 9.39
CA GLN A 40 -29.11 13.74 10.28
C GLN A 40 -30.61 13.53 10.33
N GLN A 41 -31.01 12.26 10.38
CA GLN A 41 -32.43 11.91 10.32
C GLN A 41 -32.93 11.26 11.61
N ARG A 42 -32.02 10.62 12.33
CA ARG A 42 -32.37 9.91 13.55
C ARG A 42 -31.14 9.69 14.42
N GLU A 43 -31.33 9.08 15.59
CA GLU A 43 -30.21 8.73 16.45
C GLU A 43 -29.54 7.44 15.95
N HIS A 44 -28.23 7.37 16.13
CA HIS A 44 -27.48 6.20 15.65
C HIS A 44 -26.73 5.48 16.77
N ARG A 45 -26.94 4.17 16.86
CA ARG A 45 -26.27 3.36 17.86
C ARG A 45 -24.79 3.17 17.50
N ASP A 46 -24.51 3.09 16.21
CA ASP A 46 -23.20 2.66 15.74
C ASP A 46 -22.71 3.38 14.48
N ILE A 47 -21.43 3.17 14.17
CA ILE A 47 -20.82 3.63 12.93
C ILE A 47 -20.29 2.43 12.14
N ASP A 48 -20.55 2.39 10.85
CA ASP A 48 -19.96 1.37 9.98
C ASP A 48 -18.91 2.01 9.08
N ILE A 49 -17.69 1.47 9.09
CA ILE A 49 -16.64 1.95 8.20
C ILE A 49 -15.98 0.80 7.43
N ASP A 50 -16.01 0.90 6.11
CA ASP A 50 -15.27 -0.02 5.25
C ASP A 50 -13.92 0.63 4.99
N PHE A 51 -12.84 -0.10 5.24
CA PHE A 51 -11.50 0.49 5.11
C PHE A 51 -10.52 -0.45 4.39
N ASP A 52 -9.43 0.14 3.89
CA ASP A 52 -8.39 -0.62 3.21
C ASP A 52 -7.73 -1.65 4.13
N ALA A 53 -7.89 -2.92 3.82
CA ALA A 53 -7.47 -4.02 4.69
C ALA A 53 -5.96 -4.10 4.93
N GLN A 54 -5.17 -3.41 4.11
CA GLN A 54 -3.72 -3.45 4.26
C GLN A 54 -3.28 -2.68 5.51
N HIS A 55 -4.21 -1.92 6.10
CA HIS A 55 -3.93 -1.12 7.28
C HIS A 55 -4.68 -1.62 8.51
N THR A 56 -5.16 -2.86 8.43
CA THR A 56 -5.94 -3.49 9.50
C THR A 56 -5.29 -3.36 10.88
N GLN A 57 -4.01 -3.69 10.98
CA GLN A 57 -3.32 -3.65 12.26
C GLN A 57 -3.17 -2.23 12.79
N LYS A 58 -2.85 -1.29 11.89
CA LYS A 58 -2.68 0.11 12.28
C LYS A 58 -4.00 0.73 12.77
N VAL A 59 -5.09 0.42 12.07
CA VAL A 59 -6.38 1.01 12.43
CA VAL A 59 -6.42 0.94 12.40
C VAL A 59 -6.89 0.47 13.78
N ILE A 60 -6.76 -0.84 14.02
CA ILE A 60 -7.22 -1.44 15.27
C ILE A 60 -6.43 -0.90 16.46
N GLN A 61 -5.11 -0.87 16.31
CA GLN A 61 -4.24 -0.35 17.36
C GLN A 61 -4.59 1.09 17.70
N LYS A 62 -4.98 1.86 16.68
N LYS A 62 -4.98 1.86 16.68
CA LYS A 62 -5.34 3.26 16.89
CA LYS A 62 -5.35 3.26 16.88
C LYS A 62 -6.69 3.38 17.61
C LYS A 62 -6.69 3.37 17.61
N LEU A 63 -7.64 2.53 17.24
CA LEU A 63 -8.96 2.54 17.85
C LEU A 63 -8.89 2.13 19.33
N GLU A 64 -8.01 1.18 19.63
CA GLU A 64 -7.79 0.77 21.02
C GLU A 64 -7.12 1.87 21.83
N ASP A 65 -6.23 2.62 21.18
CA ASP A 65 -5.51 3.70 21.85
C ASP A 65 -6.45 4.77 22.41
N ILE A 66 -7.54 5.05 21.70
CA ILE A 66 -8.51 6.05 22.13
C ILE A 66 -9.63 5.47 23.00
N GLY A 67 -9.52 4.19 23.33
CA GLY A 67 -10.43 3.61 24.31
C GLY A 67 -11.53 2.70 23.79
N TYR A 68 -11.52 2.37 22.51
CA TYR A 68 -12.45 1.37 21.98
C TYR A 68 -12.02 -0.01 22.49
N LYS A 69 -12.98 -0.77 22.99
CA LYS A 69 -12.72 -2.16 23.36
C LYS A 69 -13.33 -3.08 22.32
N ILE A 70 -12.65 -4.18 22.02
CA ILE A 70 -13.15 -5.12 21.03
C ILE A 70 -14.18 -6.06 21.67
N GLU A 71 -15.39 -6.09 21.10
CA GLU A 71 -16.47 -6.91 21.63
C GLU A 71 -16.71 -8.12 20.74
N VAL A 72 -16.75 -7.85 19.44
CA VAL A 72 -16.97 -8.89 18.43
C VAL A 72 -15.82 -8.83 17.43
N HIS A 73 -15.25 -10.00 17.13
CA HIS A 73 -14.03 -10.11 16.32
C HIS A 73 -14.23 -11.26 15.32
N TRP A 74 -14.69 -10.92 14.12
CA TRP A 74 -14.92 -11.88 13.05
C TRP A 74 -13.95 -11.62 11.91
N MSE A 75 -12.79 -11.08 12.25
CA MSE A 75 -11.79 -10.72 11.25
C MSE A 75 -11.30 -11.92 10.46
O MSE A 75 -11.31 -13.05 10.97
CB MSE A 75 -10.62 -10.02 11.96
CG MSE A 75 -11.04 -8.74 12.63
SE MSE A 75 -11.41 -7.42 11.27
CE MSE A 75 -9.65 -7.48 10.51
N PRO A 76 -10.86 -11.70 9.21
CA PRO A 76 -10.70 -10.41 8.53
C PRO A 76 -11.96 -9.89 7.85
N SER A 77 -13.12 -10.41 8.22
CA SER A 77 -14.37 -9.96 7.60
C SER A 77 -14.91 -8.69 8.26
N ARG A 78 -14.84 -8.65 9.59
CA ARG A 78 -15.56 -7.63 10.35
C ARG A 78 -15.22 -7.67 11.83
N MSE A 79 -15.18 -6.49 12.45
CA MSE A 79 -14.98 -6.38 13.90
C MSE A 79 -15.91 -5.32 14.47
O MSE A 79 -16.09 -4.26 13.89
CB MSE A 79 -13.52 -6.04 14.23
CG MSE A 79 -13.27 -5.71 15.71
SE MSE A 79 -11.44 -5.13 16.04
CE MSE A 79 -10.53 -6.79 15.66
N GLU A 80 -16.51 -5.62 15.62
CA GLU A 80 -17.28 -4.63 16.36
C GLU A 80 -16.53 -4.19 17.61
N LEU A 81 -16.38 -2.88 17.77
CA LEU A 81 -15.73 -2.33 18.95
C LEU A 81 -16.74 -1.48 19.74
N LYS A 82 -16.34 -1.08 20.94
CA LYS A 82 -17.23 -0.32 21.82
C LYS A 82 -16.46 0.75 22.59
N HIS A 83 -16.90 1.99 22.49
CA HIS A 83 -16.33 3.08 23.27
C HIS A 83 -17.38 3.60 24.25
N GLU A 84 -16.97 3.88 25.48
CA GLU A 84 -17.87 4.34 26.53
C GLU A 84 -18.61 5.61 26.14
N GLU A 85 -17.96 6.48 25.37
CA GLU A 85 -18.52 7.78 25.03
C GLU A 85 -19.00 7.84 23.57
N TYR A 86 -18.16 7.34 22.66
CA TYR A 86 -18.45 7.44 21.23
C TYR A 86 -19.36 6.31 20.73
N GLY A 87 -19.52 5.27 21.54
CA GLY A 87 -20.41 4.17 21.21
C GLY A 87 -19.79 3.04 20.41
N TYR A 88 -20.62 2.37 19.60
CA TYR A 88 -20.17 1.24 18.81
C TYR A 88 -19.59 1.65 17.46
N LEU A 89 -18.52 0.94 17.06
CA LEU A 89 -17.94 1.12 15.74
C LEU A 89 -17.71 -0.24 15.11
N ASP A 90 -18.38 -0.49 13.98
CA ASP A 90 -18.13 -1.67 13.19
C ASP A 90 -17.16 -1.31 12.07
N ILE A 91 -16.07 -2.06 11.95
CA ILE A 91 -15.13 -1.86 10.86
C ILE A 91 -15.08 -3.10 9.96
N HIS A 92 -14.97 -2.87 8.65
CA HIS A 92 -14.96 -3.96 7.68
C HIS A 92 -13.80 -3.78 6.72
N PRO A 93 -12.78 -4.65 6.85
CA PRO A 93 -11.64 -4.61 5.93
C PRO A 93 -12.05 -4.93 4.52
N ILE A 94 -11.76 -4.03 3.59
CA ILE A 94 -12.02 -4.30 2.18
C ILE A 94 -10.72 -4.25 1.41
N ASN A 95 -10.62 -5.07 0.37
CA ASN A 95 -9.43 -5.10 -0.45
C ASN A 95 -9.60 -4.26 -1.73
N LEU A 96 -8.72 -3.29 -1.94
CA LEU A 96 -8.71 -2.53 -3.18
C LEU A 96 -7.83 -3.26 -4.19
N ASN A 97 -8.47 -3.99 -5.10
CA ASN A 97 -7.74 -4.92 -5.95
C ASN A 97 -7.24 -4.33 -7.27
N ASP A 98 -6.19 -4.95 -7.81
CA ASP A 98 -5.59 -4.51 -9.06
C ASP A 98 -6.55 -4.63 -10.24
N ASP A 99 -7.49 -5.56 -10.15
CA ASP A 99 -8.45 -5.77 -11.25
C ASP A 99 -9.51 -4.67 -11.27
N GLY A 100 -9.52 -3.85 -10.23
CA GLY A 100 -10.43 -2.73 -10.14
C GLY A 100 -11.61 -3.03 -9.24
N SER A 101 -11.70 -4.29 -8.83
CA SER A 101 -12.78 -4.72 -7.96
C SER A 101 -12.46 -4.38 -6.52
N ILE A 102 -13.49 -4.31 -5.69
CA ILE A 102 -13.31 -4.18 -4.25
C ILE A 102 -13.91 -5.42 -3.61
N THR A 103 -13.09 -6.15 -2.85
CA THR A 103 -13.55 -7.40 -2.25
C THR A 103 -13.57 -7.34 -0.73
N GLN A 104 -14.26 -8.30 -0.12
CA GLN A 104 -14.33 -8.42 1.32
C GLN A 104 -14.33 -9.90 1.69
N ALA A 105 -13.61 -10.23 2.76
CA ALA A 105 -13.56 -11.60 3.23
C ALA A 105 -14.95 -12.11 3.63
N ASN A 106 -15.29 -13.28 3.12
CA ASN A 106 -16.54 -13.95 3.46
C ASN A 106 -16.28 -14.95 4.58
N PRO A 107 -16.90 -14.72 5.76
CA PRO A 107 -16.61 -15.43 7.01
C PRO A 107 -16.58 -16.95 6.90
N GLU A 108 -17.23 -17.50 5.88
CA GLU A 108 -17.35 -18.95 5.76
C GLU A 108 -16.54 -19.50 4.59
N GLY A 109 -15.46 -18.81 4.23
CA GLY A 109 -14.60 -19.25 3.15
C GLY A 109 -14.91 -18.58 1.82
N GLY A 110 -14.11 -17.58 1.46
CA GLY A 110 -14.26 -16.91 0.18
C GLY A 110 -14.30 -15.40 0.24
N ASN A 111 -14.61 -14.79 -0.90
CA ASN A 111 -14.68 -13.34 -1.03
C ASN A 111 -16.03 -12.86 -1.56
N TYR A 112 -16.53 -11.75 -0.98
CA TYR A 112 -17.64 -11.03 -1.57
C TYR A 112 -17.04 -10.15 -2.66
N VAL A 113 -17.75 -9.95 -3.76
CA VAL A 113 -17.23 -9.10 -4.84
C VAL A 113 -18.12 -7.87 -5.02
N PHE A 114 -17.54 -6.69 -4.79
CA PHE A 114 -18.26 -5.43 -4.95
C PHE A 114 -17.74 -4.66 -6.14
N GLN A 115 -18.57 -3.79 -6.71
CA GLN A 115 -18.14 -2.92 -7.79
C GLN A 115 -17.52 -1.65 -7.23
N ASN A 116 -16.54 -1.11 -7.96
CA ASN A 116 -15.82 0.07 -7.51
C ASN A 116 -16.72 1.30 -7.33
N ASP A 117 -17.71 1.44 -8.22
CA ASP A 117 -18.57 2.62 -8.22
C ASP A 117 -19.61 2.66 -7.09
N TRP A 118 -19.67 1.58 -6.30
CA TRP A 118 -20.56 1.55 -5.14
C TRP A 118 -19.99 2.44 -4.05
N PHE A 119 -18.68 2.65 -4.10
CA PHE A 119 -17.97 3.42 -3.09
C PHE A 119 -17.60 4.79 -3.63
N SER A 120 -18.31 5.82 -3.16
CA SER A 120 -18.14 7.17 -3.71
C SER A 120 -17.93 8.20 -2.61
N GLU A 121 -18.30 9.44 -2.90
CA GLU A 121 -18.22 10.54 -1.94
C GLU A 121 -19.43 11.45 -2.08
N THR A 122 -19.76 12.18 -1.02
CA THR A 122 -20.87 13.12 -1.07
C THR A 122 -20.60 14.32 -0.17
N ASN A 123 -21.24 15.43 -0.49
CA ASN A 123 -21.11 16.64 0.32
C ASN A 123 -22.09 16.65 1.49
N TYR A 124 -21.55 16.81 2.70
CA TYR A 124 -22.36 16.84 3.91
C TYR A 124 -21.95 18.03 4.76
N LYS A 125 -22.79 19.07 4.76
CA LYS A 125 -22.53 20.28 5.53
C LYS A 125 -21.14 20.86 5.25
N ASP A 126 -20.86 21.09 3.97
CA ASP A 126 -19.58 21.64 3.52
C ASP A 126 -18.38 20.73 3.80
N ARG A 127 -18.65 19.46 4.06
CA ARG A 127 -17.59 18.49 4.26
C ARG A 127 -17.72 17.38 3.23
N LYS A 128 -16.63 17.02 2.59
CA LYS A 128 -16.64 15.91 1.65
C LYS A 128 -16.45 14.59 2.38
N ILE A 129 -17.47 13.73 2.34
CA ILE A 129 -17.45 12.46 3.06
C ILE A 129 -17.50 11.27 2.11
N PRO A 130 -16.43 10.44 2.11
CA PRO A 130 -16.44 9.18 1.37
C PRO A 130 -17.41 8.20 2.01
N CYS A 131 -18.37 7.74 1.22
CA CYS A 131 -19.38 6.81 1.71
C CYS A 131 -19.88 5.98 0.54
N ILE A 132 -20.52 4.85 0.84
CA ILE A 132 -21.11 4.05 -0.23
C ILE A 132 -22.30 4.79 -0.85
N SER A 133 -22.58 4.52 -2.11
CA SER A 133 -23.63 5.21 -2.84
C SER A 133 -25.02 4.83 -2.33
N LYS A 134 -26.03 5.57 -2.77
CA LYS A 134 -27.41 5.25 -2.45
C LYS A 134 -27.76 3.87 -2.99
N GLU A 135 -27.31 3.60 -4.22
CA GLU A 135 -27.53 2.31 -4.85
C GLU A 135 -26.93 1.17 -4.04
N ALA A 136 -25.76 1.42 -3.45
CA ALA A 136 -25.08 0.39 -2.66
C ALA A 136 -25.82 0.10 -1.36
N GLN A 137 -26.31 1.15 -0.69
CA GLN A 137 -27.10 0.98 0.52
C GLN A 137 -28.29 0.06 0.25
N LEU A 138 -28.98 0.31 -0.85
CA LEU A 138 -30.12 -0.51 -1.24
C LEU A 138 -29.70 -1.94 -1.54
N LEU A 139 -28.56 -2.09 -2.23
CA LEU A 139 -28.06 -3.41 -2.57
C LEU A 139 -27.70 -4.23 -1.34
N PHE A 140 -27.10 -3.58 -0.35
CA PHE A 140 -26.69 -4.26 0.88
C PHE A 140 -27.85 -4.55 1.81
N HIS A 141 -28.96 -3.81 1.64
CA HIS A 141 -30.18 -4.10 2.38
C HIS A 141 -30.89 -5.29 1.73
N SER A 142 -31.63 -6.06 2.53
CA SER A 142 -32.43 -7.15 1.98
C SER A 142 -33.89 -6.74 1.98
N GLY A 143 -34.51 -6.70 0.80
CA GLY A 143 -35.89 -6.27 0.66
C GLY A 143 -36.91 -7.22 1.27
N TYR A 144 -36.43 -8.33 1.80
CA TYR A 144 -37.29 -9.31 2.47
C TYR A 144 -37.24 -9.13 3.98
N ASP A 145 -36.07 -8.77 4.49
CA ASP A 145 -35.82 -8.76 5.93
C ASP A 145 -35.42 -7.38 6.44
N LEU A 146 -36.36 -6.43 6.39
CA LEU A 146 -36.09 -5.08 6.88
C LEU A 146 -36.68 -4.85 8.27
N THR A 147 -35.94 -4.15 9.11
CA THR A 147 -36.46 -3.68 10.37
C THR A 147 -37.26 -2.42 10.11
N GLU A 148 -38.01 -1.95 11.11
CA GLU A 148 -38.78 -0.73 10.98
C GLU A 148 -37.88 0.48 10.72
N THR A 149 -36.68 0.45 11.31
CA THR A 149 -35.70 1.50 11.09
C THR A 149 -35.16 1.44 9.67
N ASP A 150 -34.94 0.23 9.18
CA ASP A 150 -34.51 0.03 7.80
C ASP A 150 -35.54 0.62 6.84
N HIS A 151 -36.81 0.39 7.12
CA HIS A 151 -37.91 0.94 6.32
C HIS A 151 -37.88 2.47 6.35
N PHE A 152 -37.61 3.03 7.53
CA PHE A 152 -37.47 4.47 7.69
C PHE A 152 -36.32 4.99 6.86
N ASP A 153 -35.15 4.35 7.00
CA ASP A 153 -33.95 4.73 6.27
C ASP A 153 -34.15 4.70 4.75
N ILE A 154 -34.80 3.64 4.27
CA ILE A 154 -35.03 3.48 2.85
C ILE A 154 -36.03 4.50 2.32
N LYS A 155 -37.04 4.82 3.12
CA LYS A 155 -38.00 5.83 2.71
C LYS A 155 -37.34 7.20 2.67
N ASN A 156 -36.37 7.41 3.56
CA ASN A 156 -35.60 8.66 3.58
C ASN A 156 -34.73 8.81 2.33
N LEU A 157 -34.08 7.72 1.92
CA LEU A 157 -33.28 7.72 0.70
C LEU A 157 -34.15 8.03 -0.51
N LYS A 158 -35.42 7.62 -0.44
CA LYS A 158 -36.38 7.86 -1.51
CA LYS A 158 -36.34 7.88 -1.53
C LYS A 158 -37.03 9.24 -1.40
N SER A 159 -37.57 9.54 -0.22
CA SER A 159 -38.31 10.78 0.00
C SER A 159 -37.47 12.04 -0.13
N ILE A 160 -36.20 11.94 0.25
CA ILE A 160 -35.35 13.14 0.31
C ILE A 160 -34.42 13.30 -0.90
N THR A 161 -33.67 12.25 -1.23
CA THR A 161 -32.70 12.31 -2.31
C THR A 161 -33.37 12.40 -3.67
N ASN B 4 25.24 -13.09 -21.81
CA ASN B 4 25.92 -13.14 -20.51
C ASN B 4 25.73 -11.87 -19.71
N ASN B 5 25.83 -10.73 -20.38
CA ASN B 5 25.75 -9.41 -19.75
CA ASN B 5 25.72 -9.46 -19.68
C ASN B 5 24.36 -8.79 -19.85
N VAL B 6 24.12 -7.78 -19.02
CA VAL B 6 22.88 -7.03 -19.06
C VAL B 6 23.07 -5.75 -19.87
N THR B 7 22.46 -5.69 -21.05
CA THR B 7 22.55 -4.50 -21.90
C THR B 7 21.69 -3.38 -21.34
N GLU B 8 21.89 -2.16 -21.83
CA GLU B 8 21.15 -1.00 -21.36
C GLU B 8 19.67 -1.16 -21.67
N LYS B 9 19.37 -1.68 -22.86
CA LYS B 9 17.98 -1.92 -23.26
C LYS B 9 17.35 -2.95 -22.33
N GLU B 10 18.12 -3.99 -22.00
CA GLU B 10 17.62 -5.03 -21.09
C GLU B 10 17.38 -4.45 -19.70
N LEU B 11 18.27 -3.56 -19.25
CA LEU B 11 18.07 -2.86 -17.99
C LEU B 11 16.79 -2.03 -18.03
N PHE B 12 16.58 -1.33 -19.14
CA PHE B 12 15.40 -0.46 -19.28
C PHE B 12 14.11 -1.25 -19.27
N TYR B 13 14.16 -2.46 -19.82
CA TYR B 13 12.99 -3.35 -19.84
C TYR B 13 12.59 -3.75 -18.43
N ILE B 14 13.57 -4.14 -17.61
CA ILE B 14 13.29 -4.56 -16.24
C ILE B 14 12.75 -3.39 -15.42
N LEU B 15 13.33 -2.21 -15.64
CA LEU B 15 12.86 -1.00 -14.98
C LEU B 15 11.43 -0.68 -15.43
N ASP B 16 11.14 -0.93 -16.71
CA ASP B 16 9.80 -0.70 -17.24
C ASP B 16 8.77 -1.62 -16.61
N LEU B 17 9.19 -2.84 -16.29
CA LEU B 17 8.34 -3.81 -15.61
C LEU B 17 7.83 -3.25 -14.30
N PHE B 18 8.75 -2.73 -13.50
CA PHE B 18 8.43 -2.19 -12.19
C PHE B 18 7.55 -0.94 -12.28
N GLU B 19 7.85 -0.08 -13.25
CA GLU B 19 7.11 1.17 -13.42
C GLU B 19 5.70 0.97 -13.97
N HIS B 20 5.53 -0.07 -14.79
CA HIS B 20 4.21 -0.39 -15.32
C HIS B 20 3.40 -1.16 -14.27
N MSE B 21 4.09 -1.77 -13.32
CA MSE B 21 3.43 -2.44 -12.20
C MSE B 21 3.08 -1.46 -11.09
O MSE B 21 2.44 -1.85 -10.11
CB MSE B 21 4.32 -3.56 -11.62
CG MSE B 21 4.11 -4.93 -12.24
SE MSE B 21 5.01 -6.34 -11.24
CE MSE B 21 6.86 -5.86 -11.62
N LYS B 22 3.51 -0.22 -11.24
CA LYS B 22 3.33 0.81 -10.22
C LYS B 22 3.95 0.39 -8.89
N VAL B 23 5.04 -0.36 -8.97
CA VAL B 23 5.79 -0.79 -7.79
C VAL B 23 6.95 0.17 -7.56
N THR B 24 6.95 0.84 -6.41
CA THR B 24 8.02 1.77 -6.07
C THR B 24 9.34 1.05 -5.92
N TYR B 25 10.38 1.55 -6.58
CA TYR B 25 11.65 0.85 -6.65
C TYR B 25 12.81 1.82 -6.88
N TRP B 26 14.03 1.35 -6.62
CA TRP B 26 15.22 2.11 -6.96
C TRP B 26 16.31 1.23 -7.55
N LEU B 27 16.99 1.75 -8.57
CA LEU B 27 18.11 1.04 -9.17
C LEU B 27 19.30 1.06 -8.22
N ASP B 28 20.00 -0.07 -8.10
CA ASP B 28 21.14 -0.19 -7.21
C ASP B 28 22.27 -0.89 -7.94
N GLY B 29 23.33 -1.24 -7.21
CA GLY B 29 24.42 -2.00 -7.78
C GLY B 29 25.23 -1.28 -8.84
N GLY B 30 25.93 -2.04 -9.67
CA GLY B 30 26.81 -1.48 -10.68
C GLY B 30 26.11 -0.60 -11.69
N TRP B 31 24.94 -1.04 -12.18
CA TRP B 31 24.19 -0.26 -13.16
C TRP B 31 23.73 1.07 -12.56
N GLY B 32 23.41 1.06 -11.28
CA GLY B 32 23.02 2.27 -10.58
C GLY B 32 24.17 3.28 -10.57
N VAL B 33 25.39 2.76 -10.51
CA VAL B 33 26.58 3.61 -10.52
C VAL B 33 26.76 4.27 -11.89
N ASP B 34 26.66 3.47 -12.95
CA ASP B 34 26.80 3.97 -14.31
C ASP B 34 25.70 4.97 -14.62
N VAL B 35 24.51 4.72 -14.09
CA VAL B 35 23.36 5.59 -14.31
C VAL B 35 23.58 6.98 -13.67
N LEU B 36 24.26 6.99 -12.52
CA LEU B 36 24.64 8.24 -11.87
C LEU B 36 25.65 9.03 -12.70
N THR B 37 26.57 8.33 -13.35
CA THR B 37 27.61 8.98 -14.14
C THR B 37 27.06 9.56 -15.44
N GLY B 38 25.93 9.03 -15.89
CA GLY B 38 25.27 9.57 -17.07
C GLY B 38 25.39 8.70 -18.31
N LYS B 39 26.27 7.69 -18.26
CA LYS B 39 26.43 6.75 -19.36
C LYS B 39 27.06 5.46 -18.88
N GLN B 40 26.96 4.41 -19.70
CA GLN B 40 27.52 3.10 -19.36
C GLN B 40 29.05 3.15 -19.32
N GLN B 41 29.63 2.54 -18.29
CA GLN B 41 31.07 2.59 -18.08
C GLN B 41 31.74 1.26 -18.36
N ARG B 42 31.00 0.17 -18.15
CA ARG B 42 31.54 -1.17 -18.31
C ARG B 42 30.41 -2.16 -18.54
N GLU B 43 30.76 -3.43 -18.74
CA GLU B 43 29.76 -4.47 -18.86
C GLU B 43 29.24 -4.88 -17.48
N HIS B 44 27.96 -5.24 -17.42
CA HIS B 44 27.36 -5.64 -16.15
C HIS B 44 26.82 -7.06 -16.22
N ARG B 45 27.12 -7.84 -15.19
CA ARG B 45 26.65 -9.23 -15.11
C ARG B 45 25.22 -9.28 -14.56
N ASP B 46 24.86 -8.30 -13.76
CA ASP B 46 23.59 -8.33 -13.04
C ASP B 46 22.94 -6.97 -12.85
N ILE B 47 21.69 -6.99 -12.36
CA ILE B 47 20.98 -5.78 -11.95
C ILE B 47 20.61 -5.93 -10.47
N ASP B 48 20.67 -4.82 -9.73
CA ASP B 48 20.19 -4.82 -8.35
C ASP B 48 19.02 -3.84 -8.24
N ILE B 49 17.89 -4.31 -7.71
CA ILE B 49 16.73 -3.46 -7.54
C ILE B 49 16.15 -3.53 -6.13
N ASP B 50 16.10 -2.38 -5.47
CA ASP B 50 15.43 -2.25 -4.18
C ASP B 50 13.99 -1.87 -4.45
N PHE B 51 13.04 -2.61 -3.88
CA PHE B 51 11.63 -2.35 -4.17
C PHE B 51 10.72 -2.42 -2.94
N ASP B 52 9.54 -1.83 -3.06
CA ASP B 52 8.54 -1.80 -2.00
C ASP B 52 8.07 -3.22 -1.63
N ALA B 53 8.38 -3.65 -0.42
CA ALA B 53 8.13 -5.02 0.02
C ALA B 53 6.65 -5.41 0.09
N GLN B 54 5.76 -4.43 -0.04
CA GLN B 54 4.32 -4.70 -0.08
C GLN B 54 4.00 -5.61 -1.26
N HIS B 55 4.81 -5.48 -2.31
CA HIS B 55 4.52 -6.08 -3.61
C HIS B 55 5.45 -7.25 -3.94
N THR B 56 6.00 -7.87 -2.90
CA THR B 56 6.97 -8.96 -3.05
C THR B 56 6.49 -10.10 -3.95
N GLN B 57 5.34 -10.69 -3.62
CA GLN B 57 4.81 -11.81 -4.38
C GLN B 57 4.41 -11.43 -5.80
N LYS B 58 3.83 -10.25 -5.97
CA LYS B 58 3.45 -9.77 -7.30
C LYS B 58 4.69 -9.57 -8.17
N VAL B 59 5.72 -8.96 -7.61
CA VAL B 59 6.98 -8.74 -8.30
C VAL B 59 7.65 -10.06 -8.71
N ILE B 60 7.74 -10.98 -7.76
CA ILE B 60 8.36 -12.29 -8.01
C ILE B 60 7.59 -13.08 -9.09
N GLN B 61 6.27 -13.14 -8.95
CA GLN B 61 5.43 -13.84 -9.92
C GLN B 61 5.60 -13.23 -11.32
N LYS B 62 5.80 -11.92 -11.38
CA LYS B 62 6.02 -11.24 -12.64
CA LYS B 62 6.01 -11.26 -12.65
C LYS B 62 7.37 -11.64 -13.24
N LEU B 63 8.40 -11.70 -12.40
CA LEU B 63 9.73 -12.06 -12.86
C LEU B 63 9.78 -13.50 -13.36
N GLU B 64 9.04 -14.37 -12.70
CA GLU B 64 8.94 -15.76 -13.13
C GLU B 64 8.20 -15.87 -14.46
N ASP B 65 7.21 -15.00 -14.66
CA ASP B 65 6.42 -15.02 -15.88
C ASP B 65 7.25 -14.74 -17.13
N ILE B 66 8.28 -13.91 -17.00
CA ILE B 66 9.13 -13.54 -18.13
C ILE B 66 10.35 -14.44 -18.29
N GLY B 67 10.50 -15.42 -17.41
CA GLY B 67 11.54 -16.42 -17.59
C GLY B 67 12.64 -16.49 -16.55
N TYR B 68 12.62 -15.60 -15.57
CA TYR B 68 13.60 -15.63 -14.49
C TYR B 68 13.42 -16.88 -13.62
N LYS B 69 14.51 -17.59 -13.41
CA LYS B 69 14.51 -18.72 -12.47
C LYS B 69 15.10 -18.24 -11.15
N ILE B 70 14.47 -18.63 -10.04
CA ILE B 70 15.00 -18.30 -8.72
C ILE B 70 16.23 -19.16 -8.42
N GLU B 71 17.35 -18.52 -8.12
CA GLU B 71 18.59 -19.25 -7.86
C GLU B 71 18.85 -19.39 -6.36
N VAL B 72 18.91 -18.26 -5.65
CA VAL B 72 19.02 -18.26 -4.20
C VAL B 72 17.99 -17.31 -3.56
N HIS B 73 17.41 -17.76 -2.46
CA HIS B 73 16.28 -17.10 -1.82
C HIS B 73 16.66 -16.77 -0.37
N TRP B 74 16.98 -15.51 -0.11
CA TRP B 74 17.32 -15.02 1.24
C TRP B 74 16.16 -14.18 1.80
N MSE B 75 14.95 -14.45 1.35
CA MSE B 75 13.80 -13.62 1.71
C MSE B 75 13.51 -13.67 3.21
O MSE B 75 13.73 -14.71 3.85
CB MSE B 75 12.58 -14.03 0.90
CG MSE B 75 12.81 -13.90 -0.59
SE MSE B 75 12.96 -12.03 -1.04
CE MSE B 75 11.23 -11.54 -0.32
N PRO B 76 13.02 -12.55 3.78
CA PRO B 76 12.56 -11.32 3.13
C PRO B 76 13.65 -10.28 2.88
N SER B 77 14.92 -10.65 2.92
CA SER B 77 16.00 -9.68 2.75
CA SER B 77 16.01 -9.69 2.75
C SER B 77 16.44 -9.51 1.29
N ARG B 78 16.46 -10.62 0.55
CA ARG B 78 17.04 -10.59 -0.80
C ARG B 78 16.76 -11.86 -1.59
N MSE B 79 16.62 -11.71 -2.91
CA MSE B 79 16.51 -12.87 -3.80
C MSE B 79 17.38 -12.66 -5.01
O MSE B 79 17.42 -11.57 -5.59
CB MSE B 79 15.05 -13.07 -4.22
CG MSE B 79 14.86 -14.14 -5.30
SE MSE B 79 13.00 -14.59 -5.60
CE MSE B 79 12.64 -15.52 -3.93
N GLU B 80 18.11 -13.70 -5.41
CA GLU B 80 18.82 -13.67 -6.68
C GLU B 80 18.12 -14.59 -7.68
N LEU B 81 17.84 -14.04 -8.86
CA LEU B 81 17.20 -14.80 -9.93
C LEU B 81 18.11 -14.82 -11.15
N LYS B 82 17.80 -15.70 -12.10
CA LYS B 82 18.56 -15.74 -13.34
C LYS B 82 17.68 -15.93 -14.58
N HIS B 83 17.95 -15.12 -15.60
CA HIS B 83 17.27 -15.27 -16.88
C HIS B 83 18.31 -15.62 -17.94
N GLU B 84 17.93 -16.52 -18.86
CA GLU B 84 18.84 -17.00 -19.89
C GLU B 84 19.40 -15.88 -20.77
N GLU B 85 18.57 -14.88 -21.05
CA GLU B 85 18.94 -13.80 -21.98
C GLU B 85 19.32 -12.51 -21.27
N TYR B 86 18.61 -12.19 -20.18
CA TYR B 86 18.79 -10.93 -19.47
C TYR B 86 19.83 -11.04 -18.36
N GLY B 87 20.22 -12.26 -18.02
CA GLY B 87 21.22 -12.49 -16.99
C GLY B 87 20.69 -12.47 -15.57
N TYR B 88 21.53 -12.05 -14.63
CA TYR B 88 21.19 -12.09 -13.22
C TYR B 88 20.45 -10.85 -12.73
N LEU B 89 19.60 -11.05 -11.73
CA LEU B 89 18.84 -9.97 -11.12
C LEU B 89 18.68 -10.23 -9.63
N ASP B 90 19.26 -9.35 -8.81
CA ASP B 90 19.07 -9.39 -7.37
C ASP B 90 18.00 -8.38 -6.97
N ILE B 91 16.94 -8.85 -6.33
CA ILE B 91 15.91 -7.93 -5.82
C ILE B 91 15.97 -7.87 -4.30
N HIS B 92 15.76 -6.67 -3.75
CA HIS B 92 15.84 -6.46 -2.33
C HIS B 92 14.59 -5.76 -1.82
N PRO B 93 13.73 -6.50 -1.11
CA PRO B 93 12.53 -5.90 -0.54
C PRO B 93 12.89 -4.85 0.50
N ILE B 94 12.36 -3.64 0.35
CA ILE B 94 12.57 -2.61 1.34
C ILE B 94 11.22 -2.11 1.83
N ASN B 95 11.17 -1.67 3.08
CA ASN B 95 9.92 -1.19 3.66
C ASN B 95 9.88 0.33 3.70
N LEU B 96 8.85 0.91 3.07
CA LEU B 96 8.63 2.35 3.16
C LEU B 96 7.80 2.63 4.40
N ASN B 97 8.46 3.06 5.47
CA ASN B 97 7.82 3.15 6.77
C ASN B 97 7.17 4.49 7.08
N ASP B 98 6.15 4.46 7.95
CA ASP B 98 5.42 5.64 8.36
C ASP B 98 6.28 6.70 9.04
N ASP B 99 7.35 6.27 9.70
CA ASP B 99 8.22 7.20 10.41
C ASP B 99 9.12 7.97 9.43
N GLY B 100 9.12 7.53 8.18
CA GLY B 100 9.87 8.18 7.14
C GLY B 100 11.14 7.44 6.82
N SER B 101 11.43 6.41 7.61
CA SER B 101 12.60 5.59 7.40
C SER B 101 12.36 4.61 6.25
N ILE B 102 13.44 4.06 5.71
CA ILE B 102 13.34 2.96 4.78
C ILE B 102 14.14 1.81 5.36
N THR B 103 13.47 0.69 5.62
CA THR B 103 14.12 -0.43 6.28
C THR B 103 14.27 -1.64 5.36
N GLN B 104 15.11 -2.58 5.80
CA GLN B 104 15.32 -3.83 5.09
C GLN B 104 15.62 -4.92 6.11
N ALA B 105 14.99 -6.08 5.95
CA ALA B 105 15.12 -7.17 6.91
C ALA B 105 16.56 -7.60 7.12
N ASN B 106 16.91 -7.80 8.39
CA ASN B 106 18.21 -8.36 8.75
C ASN B 106 18.00 -9.73 9.37
N PRO B 107 18.58 -10.77 8.73
CA PRO B 107 18.47 -12.15 9.23
C PRO B 107 18.95 -12.29 10.67
N GLU B 108 19.96 -11.50 11.06
CA GLU B 108 20.53 -11.61 12.39
C GLU B 108 19.80 -10.81 13.47
N GLY B 109 18.67 -10.19 13.10
CA GLY B 109 17.84 -9.51 14.08
C GLY B 109 17.25 -8.18 13.65
N GLY B 110 17.59 -7.12 14.38
CA GLY B 110 17.09 -5.79 14.08
C GLY B 110 17.40 -5.35 12.66
N ASN B 111 16.34 -5.20 11.86
CA ASN B 111 16.48 -4.80 10.46
C ASN B 111 17.33 -3.55 10.25
N TYR B 112 17.92 -3.45 9.06
CA TYR B 112 18.78 -2.31 8.72
C TYR B 112 17.96 -1.03 8.57
N VAL B 113 18.49 0.08 9.05
CA VAL B 113 17.81 1.37 8.97
C VAL B 113 18.52 2.26 7.96
N PHE B 114 17.79 2.68 6.92
CA PHE B 114 18.36 3.57 5.91
C PHE B 114 17.66 4.92 5.97
N GLN B 115 18.34 5.96 5.48
CA GLN B 115 17.73 7.27 5.39
C GLN B 115 16.95 7.39 4.08
N ASN B 116 15.79 8.04 4.15
CA ASN B 116 14.94 8.26 2.98
C ASN B 116 15.70 8.95 1.85
N ASP B 117 16.60 9.86 2.23
CA ASP B 117 17.35 10.67 1.30
C ASP B 117 18.32 9.86 0.42
N TRP B 118 18.66 8.65 0.86
CA TRP B 118 19.59 7.81 0.10
C TRP B 118 18.95 7.28 -1.19
N PHE B 119 17.64 7.44 -1.31
CA PHE B 119 16.90 6.89 -2.44
C PHE B 119 16.32 8.03 -3.27
N SER B 120 16.97 8.29 -4.40
CA SER B 120 16.64 9.45 -5.21
C SER B 120 16.29 9.06 -6.64
N GLU B 121 16.59 9.95 -7.57
CA GLU B 121 16.43 9.68 -8.99
C GLU B 121 17.33 10.61 -9.79
N THR B 122 17.72 10.17 -10.98
CA THR B 122 18.66 10.93 -11.80
C THR B 122 18.28 10.82 -13.27
N ASN B 123 18.74 11.80 -14.06
CA ASN B 123 18.46 11.79 -15.49
C ASN B 123 19.51 11.02 -16.29
N TYR B 124 19.08 9.92 -16.92
CA TYR B 124 19.96 9.09 -17.72
C TYR B 124 19.45 9.02 -19.14
N LYS B 125 20.10 9.76 -20.04
CA LYS B 125 19.71 9.82 -21.45
C LYS B 125 18.25 10.18 -21.64
N ASP B 126 17.84 11.27 -21.00
CA ASP B 126 16.46 11.77 -21.08
C ASP B 126 15.45 10.74 -20.58
N ARG B 127 15.91 9.89 -19.66
CA ARG B 127 15.05 8.99 -18.92
C ARG B 127 15.20 9.34 -17.46
N LYS B 128 14.09 9.36 -16.72
CA LYS B 128 14.15 9.59 -15.29
C LYS B 128 14.26 8.25 -14.58
N ILE B 129 15.42 7.98 -13.97
CA ILE B 129 15.65 6.70 -13.33
C ILE B 129 15.83 6.82 -11.82
N PRO B 130 14.89 6.23 -11.06
CA PRO B 130 15.04 6.17 -9.60
C PRO B 130 16.16 5.22 -9.23
N CYS B 131 17.12 5.72 -8.47
CA CYS B 131 18.28 4.93 -8.07
C CYS B 131 18.84 5.48 -6.77
N ILE B 132 19.63 4.68 -6.07
CA ILE B 132 20.27 5.17 -4.85
C ILE B 132 21.30 6.25 -5.21
N SER B 133 21.47 7.22 -4.32
CA SER B 133 22.36 8.35 -4.60
C SER B 133 23.83 7.93 -4.61
N LYS B 134 24.69 8.86 -5.02
CA LYS B 134 26.13 8.63 -5.00
C LYS B 134 26.63 8.43 -3.58
N GLU B 135 26.06 9.18 -2.65
CA GLU B 135 26.39 9.03 -1.24
C GLU B 135 26.04 7.65 -0.73
N ALA B 136 24.90 7.12 -1.17
CA ALA B 136 24.44 5.80 -0.74
C ALA B 136 25.32 4.69 -1.28
N GLN B 137 25.70 4.79 -2.55
CA GLN B 137 26.60 3.83 -3.18
C GLN B 137 27.89 3.68 -2.40
N LEU B 138 28.47 4.81 -2.01
CA LEU B 138 29.71 4.81 -1.23
C LEU B 138 29.48 4.20 0.15
N LEU B 139 28.33 4.50 0.75
CA LEU B 139 28.01 3.98 2.07
C LEU B 139 27.85 2.46 2.05
N PHE B 140 27.21 1.95 1.01
CA PHE B 140 26.97 0.51 0.89
C PHE B 140 28.20 -0.27 0.46
N HIS B 141 29.16 0.41 -0.16
CA HIS B 141 30.47 -0.20 -0.44
C HIS B 141 31.29 -0.20 0.85
N SER B 142 32.22 -1.15 0.96
CA SER B 142 33.12 -1.20 2.11
C SER B 142 34.51 -0.76 1.70
N GLY B 143 34.93 0.41 2.15
CA GLY B 143 36.22 0.99 1.78
C GLY B 143 37.44 0.17 2.20
N TYR B 144 37.20 -0.89 2.96
CA TYR B 144 38.26 -1.79 3.41
C TYR B 144 38.45 -2.93 2.41
N ASP B 145 37.34 -3.36 1.81
CA ASP B 145 37.32 -4.59 1.03
C ASP B 145 36.68 -4.40 -0.33
N LEU B 146 37.28 -3.54 -1.15
CA LEU B 146 36.81 -3.32 -2.51
C LEU B 146 37.48 -4.30 -3.47
N THR B 147 36.73 -4.78 -4.46
CA THR B 147 37.30 -5.54 -5.55
C THR B 147 37.88 -4.56 -6.55
N GLU B 148 38.60 -5.05 -7.55
CA GLU B 148 39.18 -4.18 -8.57
C GLU B 148 38.10 -3.43 -9.34
N THR B 149 36.98 -4.10 -9.59
CA THR B 149 35.86 -3.46 -10.27
C THR B 149 35.23 -2.39 -9.36
N ASP B 150 35.14 -2.71 -8.07
CA ASP B 150 34.65 -1.74 -7.09
C ASP B 150 35.49 -0.48 -7.11
N HIS B 151 36.81 -0.64 -7.19
CA HIS B 151 37.73 0.49 -7.29
C HIS B 151 37.48 1.30 -8.55
N PHE B 152 37.24 0.61 -9.66
CA PHE B 152 36.91 1.27 -10.93
C PHE B 152 35.62 2.08 -10.79
N ASP B 153 34.59 1.45 -10.23
CA ASP B 153 33.28 2.07 -10.05
C ASP B 153 33.35 3.33 -9.17
N ILE B 154 34.14 3.28 -8.11
CA ILE B 154 34.25 4.41 -7.20
C ILE B 154 35.05 5.56 -7.81
N LYS B 155 36.07 5.22 -8.60
N LYS B 155 36.07 5.22 -8.60
CA LYS B 155 36.88 6.23 -9.27
CA LYS B 155 36.88 6.24 -9.26
C LYS B 155 36.06 6.94 -10.33
C LYS B 155 36.06 6.94 -10.34
N ASN B 156 35.12 6.21 -10.92
CA ASN B 156 34.22 6.79 -11.92
C ASN B 156 33.26 7.79 -11.29
N LEU B 157 32.74 7.43 -10.12
CA LEU B 157 31.87 8.34 -9.36
C LEU B 157 32.62 9.61 -8.98
N LYS B 158 33.88 9.46 -8.59
CA LYS B 158 34.72 10.61 -8.28
C LYS B 158 35.08 11.41 -9.53
N SER B 159 35.72 10.74 -10.50
CA SER B 159 36.24 11.42 -11.70
C SER B 159 35.15 12.11 -12.52
N ILE B 160 34.06 11.39 -12.77
CA ILE B 160 32.98 11.88 -13.63
C ILE B 160 31.94 12.72 -12.86
N THR B 161 31.78 12.41 -11.57
CA THR B 161 30.72 12.95 -10.71
C THR B 161 29.35 12.40 -11.13
N1 EPE C . -22.72 -2.44 6.01
C2 EPE C . -23.17 -3.49 5.08
C3 EPE C . -22.21 -3.50 3.90
N4 EPE C . -20.85 -3.22 4.31
C5 EPE C . -20.48 -3.44 5.69
C6 EPE C . -21.45 -2.78 6.66
C7 EPE C . -19.82 -3.05 3.32
C8 EPE C . -19.67 -4.29 2.45
O8 EPE C . -19.65 -5.45 3.24
C9 EPE C . -23.75 -2.11 6.99
C10 EPE C . -24.19 -3.33 7.77
S EPE C . -25.34 -2.86 9.09
O1S EPE C . -26.63 -3.52 8.89
O2S EPE C . -24.80 -3.22 10.39
O3S EPE C . -25.54 -1.42 9.03
N1 EPE D . 0.57 9.18 9.59
C2 EPE D . -0.13 8.70 8.38
C3 EPE D . 0.63 9.24 7.18
N4 EPE D . 2.05 8.99 7.30
C5 EPE D . 2.51 8.17 8.41
C6 EPE D . 1.93 8.64 9.74
C7 EPE D . 2.95 9.37 6.24
C8 EPE D . 4.42 9.34 6.64
O8 EPE D . 5.07 8.23 6.06
C9 EPE D . -0.25 9.00 10.81
C10 EPE D . 0.30 7.91 11.71
S EPE D . -0.97 6.80 12.36
O1S EPE D . -1.84 7.51 13.29
O2S EPE D . -1.76 6.30 11.24
O3S EPE D . -0.34 5.68 13.05
N1 EPE E . 23.18 -3.76 -2.56
C2 EPE E . 21.79 -3.76 -3.02
C3 EPE E . 20.85 -3.58 -1.84
N4 EPE E . 21.22 -2.48 -0.98
C5 EPE E . 22.63 -2.18 -0.81
C6 EPE E . 23.43 -2.39 -2.08
C7 EPE E . 20.31 -2.12 0.10
C8 EPE E . 19.16 -1.23 -0.35
O8 EPE E . 19.64 0.03 -0.74
C9 EPE E . 24.07 -4.05 -3.70
C10 EPE E . 24.91 -5.29 -3.42
S EPE E . 26.16 -5.54 -4.70
O1S EPE E . 25.86 -6.76 -5.46
O2S EPE E . 26.14 -4.40 -5.59
O3S EPE E . 27.48 -5.66 -4.09
N1 EPE F . 30.98 -0.92 -23.28
C2 EPE F . 29.53 -0.68 -23.38
C3 EPE F . 28.95 -1.49 -24.54
N4 EPE F . 29.42 -2.86 -24.60
C5 EPE F . 30.80 -3.13 -24.23
C6 EPE F . 31.21 -2.34 -22.99
C7 EPE F . 28.83 -3.73 -25.60
C8 EPE F . 27.31 -3.79 -25.52
O8 EPE F . 26.76 -3.81 -26.82
C9 EPE F . 31.61 -0.08 -22.23
C10 EPE F . 30.83 1.21 -21.98
S EPE F . 31.48 2.58 -22.97
O1S EPE F . 32.29 3.44 -22.13
O2S EPE F . 32.30 2.03 -24.04
O3S EPE F . 30.38 3.34 -23.54
#